data_8OZ8
#
_entry.id   8OZ8
#
_cell.length_a   152.049
_cell.length_b   152.049
_cell.length_c   109.920
_cell.angle_alpha   90.000
_cell.angle_beta   90.000
_cell.angle_gamma   120.000
#
_symmetry.space_group_name_H-M   'P 65 2 2'
#
loop_
_entity.id
_entity.type
_entity.pdbx_description
1 polymer 'Cupin 2 conserved barrel domain protein'
2 non-polymer 'NONAETHYLENE GLYCOL'
3 non-polymer 3-CARBOXY-N,N,N-TRIMETHYLPROPAN-1-AMINIUM
4 non-polymer 'MANGANESE (II) ION'
5 non-polymer 1-METHOXY-2-[2-(2-METHOXY-ETHOXY]-ETHANE
6 non-polymer 'BROMIDE ION'
7 non-polymer DI(HYDROXYETHYL)ETHER
8 water water
#
_entity_poly.entity_id   1
_entity_poly.type   'polypeptide(L)'
_entity_poly.pdbx_seq_one_letter_code
;MEIKRVGSQASGKGPADWFTGTVRIDPLFQAPDPALVAGASVTFEPGARTAWHTHPLGQTLIVTAGCGWAQREGGAVEEI
HPGDVVWFSPGEKHWAGAAPTTAMTHLAIQERLDGKAVDWMEHVTDEQYRR
;
_entity_poly.pdbx_strand_id   A,B,C,D
#
# COMPACT_ATOMS: atom_id res chain seq x y z
N MET A 1 -2.97 -25.40 -18.86
CA MET A 1 -1.96 -24.30 -18.94
C MET A 1 -1.80 -23.92 -20.40
N GLU A 2 -2.16 -22.68 -20.73
CA GLU A 2 -2.01 -22.15 -22.07
C GLU A 2 -0.92 -21.09 -22.03
N ILE A 3 0.06 -21.19 -22.93
CA ILE A 3 1.13 -20.21 -23.01
C ILE A 3 1.02 -19.55 -24.38
N LYS A 4 0.92 -18.22 -24.40
CA LYS A 4 1.07 -17.45 -25.62
C LYS A 4 2.50 -16.90 -25.62
N ARG A 5 3.34 -17.47 -26.48
CA ARG A 5 4.75 -17.10 -26.51
C ARG A 5 4.91 -15.68 -27.04
N VAL A 6 5.95 -15.01 -26.54
CA VAL A 6 6.25 -13.67 -27.00
C VAL A 6 6.39 -13.69 -28.51
N GLY A 7 5.77 -12.72 -29.17
CA GLY A 7 5.80 -12.65 -30.62
C GLY A 7 4.66 -13.36 -31.31
N SER A 8 3.86 -14.13 -30.58
CA SER A 8 2.81 -14.91 -31.22
C SER A 8 1.52 -14.15 -31.44
N GLN A 9 1.35 -12.99 -30.79
CA GLN A 9 0.17 -12.14 -30.96
C GLN A 9 0.57 -10.91 -31.78
N ALA A 10 -0.09 -10.72 -32.93
CA ALA A 10 0.28 -9.63 -33.82
C ALA A 10 -0.11 -8.29 -33.19
N SER A 11 0.75 -7.29 -33.40
CA SER A 11 0.39 -5.93 -33.00
C SER A 11 -0.71 -5.36 -33.91
N GLY A 12 -1.42 -4.37 -33.38
CA GLY A 12 -2.43 -3.68 -34.14
C GLY A 12 -2.32 -2.19 -33.93
N LYS A 13 -2.95 -1.43 -34.83
CA LYS A 13 -2.93 0.03 -34.75
C LYS A 13 -4.16 0.52 -33.98
N GLY A 14 -3.97 1.54 -33.15
CA GLY A 14 -5.06 2.16 -32.45
C GLY A 14 -6.08 2.78 -33.39
N PRO A 15 -7.34 2.36 -33.29
CA PRO A 15 -8.39 2.95 -34.16
C PRO A 15 -8.50 4.45 -33.95
N ALA A 16 -8.84 5.16 -35.02
CA ALA A 16 -8.92 6.62 -34.93
C ALA A 16 -10.04 7.07 -34.00
N ASP A 17 -11.11 6.28 -33.87
CA ASP A 17 -12.18 6.67 -32.95
C ASP A 17 -11.76 6.55 -31.50
N TRP A 18 -10.71 5.79 -31.21
CA TRP A 18 -10.29 5.58 -29.84
C TRP A 18 -9.09 6.41 -29.45
N PHE A 19 -8.31 6.91 -30.42
CA PHE A 19 -7.06 7.59 -30.11
C PHE A 19 -6.86 8.78 -31.03
N THR A 20 -6.25 9.82 -30.45
CA THR A 20 -5.62 10.88 -31.22
C THR A 20 -4.15 10.51 -31.39
N GLY A 21 -3.64 10.57 -32.62
CA GLY A 21 -2.27 10.23 -32.88
C GLY A 21 -2.05 8.74 -33.06
N THR A 22 -0.78 8.38 -33.17
CA THR A 22 -0.35 7.04 -33.54
C THR A 22 -0.13 6.20 -32.29
N VAL A 23 -0.90 5.12 -32.17
CA VAL A 23 -0.88 4.21 -31.04
C VAL A 23 -0.80 2.79 -31.58
N ARG A 24 -0.11 1.93 -30.83
CA ARG A 24 -0.01 0.52 -31.15
C ARG A 24 -0.55 -0.28 -29.98
N ILE A 25 -1.40 -1.25 -30.27
CA ILE A 25 -1.97 -2.12 -29.25
C ILE A 25 -1.37 -3.52 -29.43
N ASP A 26 -0.75 -4.03 -28.37
CA ASP A 26 -0.23 -5.39 -28.35
C ASP A 26 -1.10 -6.23 -27.43
N PRO A 27 -1.99 -7.07 -27.96
CA PRO A 27 -2.86 -7.86 -27.08
C PRO A 27 -2.04 -8.79 -26.20
N LEU A 28 -2.50 -8.97 -24.96
CA LEU A 28 -1.84 -9.89 -24.05
C LEU A 28 -2.76 -11.03 -23.63
N PHE A 29 -3.93 -10.74 -23.08
CA PHE A 29 -4.81 -11.81 -22.67
C PHE A 29 -6.26 -11.33 -22.61
N GLN A 30 -7.16 -12.29 -22.76
CA GLN A 30 -8.60 -12.11 -22.58
C GLN A 30 -9.06 -13.38 -21.90
N ALA A 31 -9.31 -13.31 -20.60
CA ALA A 31 -9.59 -14.51 -19.82
C ALA A 31 -10.92 -15.14 -20.27
N PRO A 32 -10.98 -16.45 -20.40
CA PRO A 32 -12.25 -17.09 -20.78
C PRO A 32 -13.26 -17.05 -19.65
N ASP A 33 -14.53 -17.15 -20.03
CA ASP A 33 -15.59 -17.25 -19.04
C ASP A 33 -15.26 -18.38 -18.06
N PRO A 34 -15.59 -18.23 -16.77
CA PRO A 34 -16.33 -17.13 -16.13
C PRO A 34 -15.45 -15.96 -15.72
N ALA A 35 -14.15 -16.01 -16.00
CA ALA A 35 -13.29 -14.88 -15.66
C ALA A 35 -13.63 -13.69 -16.52
N LEU A 36 -13.36 -12.49 -15.98
CA LEU A 36 -13.73 -11.24 -16.63
C LEU A 36 -12.55 -10.42 -17.13
N VAL A 37 -11.35 -10.69 -16.66
CA VAL A 37 -10.25 -9.78 -16.85
C VAL A 37 -9.68 -9.89 -18.26
N ALA A 38 -9.16 -8.78 -18.75
CA ALA A 38 -8.45 -8.71 -20.02
C ALA A 38 -7.29 -7.74 -19.86
N GLY A 39 -6.30 -7.87 -20.72
CA GLY A 39 -5.12 -7.03 -20.65
C GLY A 39 -4.52 -6.81 -22.01
N ALA A 40 -3.95 -5.62 -22.20
CA ALA A 40 -3.18 -5.34 -23.41
C ALA A 40 -2.10 -4.34 -23.07
N SER A 41 -1.01 -4.42 -23.83
CA SER A 41 0.07 -3.43 -23.78
C SER A 41 -0.20 -2.39 -24.85
N VAL A 42 -0.16 -1.11 -24.46
CA VAL A 42 -0.52 -0.01 -25.34
C VAL A 42 0.64 0.97 -25.38
N THR A 43 1.19 1.20 -26.57
CA THR A 43 2.31 2.10 -26.76
C THR A 43 1.83 3.34 -27.52
N PHE A 44 1.97 4.50 -26.87
CA PHE A 44 1.60 5.78 -27.42
C PHE A 44 2.85 6.47 -27.96
N GLU A 45 2.81 6.89 -29.23
CA GLU A 45 3.89 7.73 -29.74
C GLU A 45 3.78 9.11 -29.11
N PRO A 46 4.85 9.89 -29.12
CA PRO A 46 4.79 11.25 -28.56
C PRO A 46 3.57 11.99 -29.08
N GLY A 47 2.82 12.60 -28.16
CA GLY A 47 1.67 13.40 -28.52
C GLY A 47 0.37 12.64 -28.68
N ALA A 48 0.42 11.32 -28.64
CA ALA A 48 -0.76 10.48 -28.81
C ALA A 48 -1.44 10.20 -27.48
N ARG A 49 -2.76 10.02 -27.53
CA ARG A 49 -3.50 9.75 -26.31
C ARG A 49 -4.86 9.15 -26.67
N THR A 50 -5.45 8.47 -25.69
CA THR A 50 -6.81 7.99 -25.86
C THR A 50 -7.78 9.15 -25.96
N ALA A 51 -8.95 8.85 -26.54
CA ALA A 51 -10.12 9.69 -26.30
C ALA A 51 -10.49 9.63 -24.83
N TRP A 52 -11.34 10.56 -24.39
CA TRP A 52 -11.99 10.39 -23.11
C TRP A 52 -12.82 9.10 -23.12
N HIS A 53 -12.84 8.39 -22.00
CA HIS A 53 -13.57 7.13 -21.94
C HIS A 53 -13.72 6.71 -20.49
N THR A 54 -14.60 5.72 -20.28
CA THR A 54 -14.81 5.10 -18.99
C THR A 54 -14.68 3.58 -19.14
N HIS A 55 -14.47 2.91 -18.01
CA HIS A 55 -14.53 1.45 -17.95
C HIS A 55 -15.58 1.04 -16.92
N PRO A 56 -16.38 0.02 -17.22
CA PRO A 56 -17.53 -0.28 -16.35
C PRO A 56 -17.16 -0.88 -15.01
N LEU A 57 -16.00 -1.54 -14.91
CA LEU A 57 -15.51 -2.10 -13.65
C LEU A 57 -14.14 -1.52 -13.31
N GLY A 58 -13.86 -0.31 -13.81
CA GLY A 58 -12.60 0.34 -13.51
C GLY A 58 -11.47 -0.23 -14.35
N GLN A 59 -10.31 0.38 -14.17
CA GLN A 59 -9.13 -0.01 -14.92
C GLN A 59 -7.87 0.26 -14.11
N THR A 60 -6.90 -0.64 -14.25
CA THR A 60 -5.57 -0.51 -13.68
C THR A 60 -4.59 -0.37 -14.83
N LEU A 61 -3.74 0.65 -14.75
CA LEU A 61 -2.62 0.83 -15.66
C LEU A 61 -1.33 0.56 -14.91
N ILE A 62 -0.44 -0.20 -15.54
CA ILE A 62 0.93 -0.38 -15.05
C ILE A 62 1.84 0.15 -16.13
N VAL A 63 2.47 1.30 -15.88
CA VAL A 63 3.40 1.86 -16.86
C VAL A 63 4.64 0.98 -16.94
N THR A 64 5.05 0.65 -18.16
CA THR A 64 6.20 -0.22 -18.35
C THR A 64 7.34 0.40 -19.14
N ALA A 65 7.10 1.50 -19.85
CA ALA A 65 8.19 2.16 -20.54
C ALA A 65 7.83 3.62 -20.79
N GLY A 66 8.85 4.46 -20.79
CA GLY A 66 8.69 5.82 -21.23
C GLY A 66 8.09 6.71 -20.16
N CYS A 67 7.33 7.70 -20.60
CA CYS A 67 6.83 8.75 -19.72
C CYS A 67 5.57 9.33 -20.33
N GLY A 68 4.44 9.20 -19.63
CA GLY A 68 3.16 9.55 -20.18
C GLY A 68 2.39 10.51 -19.30
N TRP A 69 1.19 10.85 -19.77
CA TRP A 69 0.24 11.73 -19.10
C TRP A 69 -1.07 10.98 -18.90
N ALA A 70 -1.81 11.37 -17.86
CA ALA A 70 -3.15 10.85 -17.65
C ALA A 70 -3.96 11.84 -16.81
N GLN A 71 -5.27 11.83 -17.02
CA GLN A 71 -6.15 12.78 -16.36
C GLN A 71 -7.54 12.18 -16.24
N ARG A 72 -8.18 12.41 -15.09
CA ARG A 72 -9.61 12.16 -14.97
C ARG A 72 -10.35 13.50 -15.08
N GLU A 73 -11.61 13.42 -15.49
CA GLU A 73 -12.38 14.65 -15.70
C GLU A 73 -12.47 15.44 -14.41
N GLY A 74 -12.11 16.71 -14.48
CA GLY A 74 -12.07 17.57 -13.30
C GLY A 74 -10.78 17.54 -12.52
N GLY A 75 -9.82 16.69 -12.90
CA GLY A 75 -8.56 16.59 -12.21
C GLY A 75 -7.43 17.24 -13.00
N ALA A 76 -6.24 17.15 -12.42
CA ALA A 76 -5.04 17.66 -13.06
C ALA A 76 -4.45 16.60 -13.97
N VAL A 77 -3.69 17.06 -14.96
CA VAL A 77 -2.95 16.15 -15.83
C VAL A 77 -1.71 15.72 -15.06
N GLU A 78 -1.58 14.42 -14.85
CA GLU A 78 -0.48 13.86 -14.08
C GLU A 78 0.53 13.22 -15.04
N GLU A 79 1.80 13.26 -14.65
CA GLU A 79 2.86 12.55 -15.36
C GLU A 79 3.08 11.19 -14.69
N ILE A 80 3.14 10.14 -15.50
CA ILE A 80 3.27 8.78 -14.98
C ILE A 80 4.49 8.12 -15.60
N HIS A 81 5.11 7.24 -14.82
CA HIS A 81 6.45 6.73 -15.09
C HIS A 81 6.48 5.22 -14.88
N PRO A 82 7.47 4.54 -15.45
CA PRO A 82 7.51 3.08 -15.35
C PRO A 82 7.54 2.61 -13.91
N GLY A 83 6.70 1.62 -13.61
CA GLY A 83 6.52 1.14 -12.26
C GLY A 83 5.36 1.79 -11.52
N ASP A 84 4.88 2.94 -11.99
CA ASP A 84 3.68 3.55 -11.43
C ASP A 84 2.47 2.68 -11.74
N VAL A 85 1.52 2.61 -10.80
CA VAL A 85 0.27 1.88 -10.98
C VAL A 85 -0.88 2.87 -10.82
N VAL A 86 -1.74 2.96 -11.84
CA VAL A 86 -2.84 3.92 -11.88
C VAL A 86 -4.16 3.17 -11.79
N TRP A 87 -5.05 3.64 -10.93
CA TRP A 87 -6.39 3.07 -10.80
C TRP A 87 -7.44 4.10 -11.19
N PHE A 88 -8.30 3.74 -12.13
CA PHE A 88 -9.48 4.51 -12.51
C PHE A 88 -10.71 3.75 -12.03
N SER A 89 -11.61 4.47 -11.38
CA SER A 89 -12.79 3.87 -10.78
C SER A 89 -13.80 3.50 -11.86
N PRO A 90 -14.72 2.59 -11.55
CA PRO A 90 -15.82 2.30 -12.47
C PRO A 90 -16.55 3.57 -12.85
N GLY A 91 -16.68 3.81 -14.15
CA GLY A 91 -17.41 4.95 -14.66
C GLY A 91 -16.68 6.27 -14.58
N GLU A 92 -15.42 6.28 -14.14
CA GLU A 92 -14.64 7.52 -14.07
C GLU A 92 -14.15 7.90 -15.46
N LYS A 93 -14.54 9.08 -15.93
CA LYS A 93 -14.13 9.56 -17.25
C LYS A 93 -12.68 10.02 -17.19
N HIS A 94 -11.87 9.55 -18.14
CA HIS A 94 -10.44 9.80 -18.09
C HIS A 94 -9.82 9.58 -19.46
N TRP A 95 -8.54 9.98 -19.57
CA TRP A 95 -7.72 9.64 -20.71
C TRP A 95 -6.30 9.39 -20.22
N ALA A 96 -5.51 8.76 -21.09
CA ALA A 96 -4.10 8.54 -20.84
C ALA A 96 -3.37 8.55 -22.18
N GLY A 97 -2.07 8.79 -22.13
CA GLY A 97 -1.31 8.81 -23.36
C GLY A 97 0.14 9.14 -23.11
N ALA A 98 0.85 9.30 -24.23
CA ALA A 98 2.23 9.77 -24.18
C ALA A 98 2.26 11.23 -23.71
N ALA A 99 3.42 11.65 -23.26
CA ALA A 99 3.70 13.07 -23.13
C ALA A 99 4.00 13.65 -24.50
N PRO A 100 4.06 14.97 -24.63
CA PRO A 100 4.29 15.54 -25.98
C PRO A 100 5.62 15.13 -26.60
N THR A 101 6.67 14.88 -25.81
CA THR A 101 8.00 14.64 -26.36
C THR A 101 8.53 13.22 -26.16
N THR A 102 7.83 12.37 -25.40
CA THR A 102 8.28 11.01 -25.13
C THR A 102 7.15 10.01 -25.29
N ALA A 103 7.46 8.85 -25.86
CA ALA A 103 6.51 7.75 -25.93
C ALA A 103 6.24 7.20 -24.52
N MET A 104 5.15 6.46 -24.40
CA MET A 104 4.83 5.75 -23.18
C MET A 104 4.15 4.43 -23.53
N THR A 105 4.50 3.38 -22.79
CA THR A 105 3.85 2.08 -22.90
C THR A 105 3.26 1.75 -21.53
N HIS A 106 2.00 1.33 -21.50
CA HIS A 106 1.43 0.80 -20.28
C HIS A 106 0.71 -0.51 -20.58
N LEU A 107 0.63 -1.30 -19.53
CA LEU A 107 -0.20 -2.49 -19.49
C LEU A 107 -1.54 -2.08 -18.89
N ALA A 108 -2.60 -2.17 -19.70
CA ALA A 108 -3.94 -1.80 -19.28
C ALA A 108 -4.71 -3.07 -18.92
N ILE A 109 -5.19 -3.15 -17.68
CA ILE A 109 -5.87 -4.33 -17.18
C ILE A 109 -7.28 -3.91 -16.74
N GLN A 110 -8.29 -4.59 -17.26
CA GLN A 110 -9.66 -4.24 -16.90
C GLN A 110 -10.56 -5.46 -16.97
N GLU A 111 -11.55 -5.48 -16.07
CA GLU A 111 -12.56 -6.51 -16.06
C GLU A 111 -13.73 -6.09 -16.95
N ARG A 112 -14.19 -7.02 -17.78
CA ARG A 112 -15.28 -6.77 -18.71
C ARG A 112 -16.62 -7.00 -18.02
N LEU A 113 -17.56 -6.10 -18.28
CA LEU A 113 -18.92 -6.23 -17.78
C LEU A 113 -19.81 -6.59 -18.98
N ASP A 114 -20.26 -7.84 -19.03
CA ASP A 114 -21.00 -8.35 -20.18
C ASP A 114 -20.17 -8.22 -21.46
N GLY A 115 -18.91 -8.64 -21.38
CA GLY A 115 -18.00 -8.60 -22.50
C GLY A 115 -17.48 -7.22 -22.87
N LYS A 116 -17.94 -6.18 -22.21
CA LYS A 116 -17.63 -4.80 -22.56
C LYS A 116 -16.56 -4.26 -21.63
N ALA A 117 -15.46 -3.79 -22.22
CA ALA A 117 -14.33 -3.30 -21.46
C ALA A 117 -14.25 -1.79 -21.36
N VAL A 118 -14.99 -1.05 -22.20
CA VAL A 118 -14.79 0.40 -22.28
C VAL A 118 -16.01 1.05 -22.91
N ASP A 119 -16.25 2.31 -22.56
CA ASP A 119 -17.24 3.17 -23.22
C ASP A 119 -16.47 4.36 -23.77
N TRP A 120 -16.42 4.49 -25.09
CA TRP A 120 -15.63 5.53 -25.72
C TRP A 120 -16.43 6.82 -25.83
N MET A 121 -15.75 7.94 -25.55
CA MET A 121 -16.41 9.26 -25.62
C MET A 121 -15.56 10.19 -26.48
N GLU A 122 -15.70 11.50 -26.27
CA GLU A 122 -15.11 12.48 -27.17
C GLU A 122 -13.59 12.46 -27.09
N HIS A 123 -12.95 12.90 -28.17
CA HIS A 123 -11.49 12.98 -28.19
C HIS A 123 -10.99 14.08 -27.25
N VAL A 124 -9.74 13.92 -26.81
CA VAL A 124 -9.05 14.87 -25.95
C VAL A 124 -8.47 15.96 -26.85
N THR A 125 -8.97 17.18 -26.72
CA THR A 125 -8.58 18.26 -27.61
C THR A 125 -7.15 18.72 -27.34
N ASP A 126 -6.58 19.43 -28.32
CA ASP A 126 -5.26 20.02 -28.12
C ASP A 126 -5.25 20.97 -26.93
N GLU A 127 -6.40 21.60 -26.62
CA GLU A 127 -6.47 22.51 -25.48
C GLU A 127 -6.48 21.74 -24.16
N GLN A 128 -7.05 20.53 -24.14
CA GLN A 128 -7.04 19.72 -22.92
C GLN A 128 -5.72 18.99 -22.74
N TYR A 129 -5.01 18.73 -23.84
CA TYR A 129 -3.76 17.97 -23.83
C TYR A 129 -2.61 18.94 -23.54
N ARG A 130 -2.52 19.33 -22.28
CA ARG A 130 -1.44 20.20 -21.85
C ARG A 130 -1.30 20.10 -20.33
N ARG A 131 -0.16 20.54 -19.84
CA ARG A 131 0.16 20.39 -18.43
C ARG A 131 1.08 21.50 -17.97
N MET B 1 0.10 26.29 37.90
CA MET B 1 0.35 24.97 37.25
C MET B 1 -0.94 24.44 36.62
N GLU B 2 -0.93 24.31 35.30
CA GLU B 2 -2.06 23.73 34.57
C GLU B 2 -1.58 22.47 33.90
N ILE B 3 -2.30 21.37 34.12
CA ILE B 3 -1.95 20.08 33.56
C ILE B 3 -3.08 19.67 32.62
N LYS B 4 -2.71 19.36 31.39
CA LYS B 4 -3.62 18.76 30.42
C LYS B 4 -3.26 17.29 30.33
N ARG B 5 -4.09 16.45 30.92
CA ARG B 5 -3.79 15.03 31.02
C ARG B 5 -3.86 14.38 29.64
N VAL B 6 -2.99 13.40 29.42
CA VAL B 6 -3.01 12.66 28.16
C VAL B 6 -4.42 12.12 27.96
N GLY B 7 -4.92 12.24 26.74
CA GLY B 7 -6.26 11.81 26.41
C GLY B 7 -7.31 12.91 26.44
N SER B 8 -6.98 14.04 27.08
CA SER B 8 -7.97 15.10 27.27
C SER B 8 -8.07 16.05 26.07
N GLN B 9 -7.15 15.98 25.12
CA GLN B 9 -7.19 16.81 23.92
C GLN B 9 -7.50 15.92 22.72
N ALA B 10 -8.58 16.23 22.01
CA ALA B 10 -9.03 15.38 20.92
C ALA B 10 -8.12 15.52 19.71
N SER B 11 -7.83 14.39 19.05
CA SER B 11 -7.11 14.39 17.79
C SER B 11 -7.93 15.10 16.71
N GLY B 12 -7.24 15.59 15.68
CA GLY B 12 -7.91 16.13 14.53
C GLY B 12 -7.24 15.66 13.25
N LYS B 13 -8.02 15.65 12.18
CA LYS B 13 -7.48 15.29 10.86
C LYS B 13 -6.83 16.51 10.22
N GLY B 14 -5.70 16.28 9.55
CA GLY B 14 -4.99 17.34 8.86
C GLY B 14 -5.75 17.86 7.66
N PRO B 15 -6.00 19.18 7.61
CA PRO B 15 -6.77 19.75 6.49
C PRO B 15 -6.12 19.48 5.13
N ALA B 16 -6.97 19.36 4.11
CA ALA B 16 -6.48 19.05 2.76
C ALA B 16 -5.55 20.14 2.24
N ASP B 17 -5.81 21.40 2.60
CA ASP B 17 -4.97 22.49 2.13
C ASP B 17 -3.60 22.50 2.79
N TRP B 18 -3.41 21.77 3.89
CA TRP B 18 -2.17 21.81 4.62
C TRP B 18 -1.29 20.58 4.40
N PHE B 19 -1.88 19.49 3.89
CA PHE B 19 -1.19 18.21 3.78
C PHE B 19 -1.61 17.46 2.53
N THR B 20 -0.68 16.67 1.99
CA THR B 20 -0.97 15.61 1.04
C THR B 20 -1.04 14.30 1.82
N GLY B 21 -2.10 13.54 1.61
CA GLY B 21 -2.25 12.29 2.32
C GLY B 21 -2.91 12.44 3.68
N THR B 22 -2.88 11.34 4.42
CA THR B 22 -3.63 11.24 5.66
C THR B 22 -2.72 11.60 6.83
N VAL B 23 -3.12 12.62 7.58
CA VAL B 23 -2.33 13.14 8.69
C VAL B 23 -3.25 13.36 9.86
N ARG B 24 -2.74 13.13 11.07
CA ARG B 24 -3.46 13.37 12.30
C ARG B 24 -2.68 14.39 13.12
N ILE B 25 -3.40 15.39 13.63
CA ILE B 25 -2.81 16.41 14.48
C ILE B 25 -3.32 16.20 15.90
N ASP B 26 -2.39 16.09 16.84
CA ASP B 26 -2.73 15.98 18.26
C ASP B 26 -2.24 17.23 18.97
N PRO B 27 -3.12 18.19 19.24
CA PRO B 27 -2.67 19.44 19.88
C PRO B 27 -2.05 19.14 21.22
N LEU B 28 -1.04 19.93 21.57
CA LEU B 28 -0.38 19.78 22.86
C LEU B 28 -0.49 21.04 23.70
N PHE B 29 -0.09 22.19 23.16
CA PHE B 29 -0.15 23.41 23.94
C PHE B 29 -0.10 24.63 23.03
N GLN B 30 -0.66 25.71 23.53
CA GLN B 30 -0.52 27.03 22.94
C GLN B 30 -0.39 27.98 24.12
N ALA B 31 0.82 28.52 24.32
CA ALA B 31 1.07 29.32 25.52
C ALA B 31 0.35 30.66 25.41
N PRO B 32 -0.24 31.13 26.51
CA PRO B 32 -0.90 32.45 26.49
C PRO B 32 0.09 33.60 26.46
N ASP B 33 -0.38 34.73 25.93
CA ASP B 33 0.42 35.95 25.93
C ASP B 33 0.89 36.25 27.36
N PRO B 34 2.11 36.77 27.54
CA PRO B 34 3.07 37.21 26.52
C PRO B 34 3.93 36.10 25.93
N ALA B 35 3.78 34.85 26.37
CA ALA B 35 4.50 33.77 25.71
C ALA B 35 3.94 33.57 24.31
N LEU B 36 4.79 33.05 23.42
CA LEU B 36 4.47 32.94 22.00
C LEU B 36 4.52 31.52 21.48
N VAL B 37 4.90 30.56 22.27
CA VAL B 37 5.22 29.23 21.75
C VAL B 37 3.97 28.37 21.74
N ALA B 38 3.91 27.49 20.74
CA ALA B 38 2.87 26.47 20.66
C ALA B 38 3.51 25.15 20.24
N GLY B 39 2.80 24.07 20.48
CA GLY B 39 3.30 22.75 20.11
C GLY B 39 2.19 21.80 19.79
N ALA B 40 2.48 20.88 18.87
CA ALA B 40 1.52 19.86 18.48
C ALA B 40 2.29 18.61 18.08
N SER B 41 1.69 17.45 18.31
CA SER B 41 2.20 16.20 17.79
C SER B 41 1.51 15.92 16.46
N VAL B 42 2.28 15.58 15.43
CA VAL B 42 1.74 15.33 14.10
C VAL B 42 2.16 13.96 13.62
N THR B 43 1.18 13.14 13.24
CA THR B 43 1.44 11.79 12.76
C THR B 43 1.08 11.71 11.27
N PHE B 44 2.07 11.39 10.45
CA PHE B 44 1.91 11.26 9.00
C PHE B 44 1.85 9.78 8.65
N GLU B 45 0.82 9.37 7.91
CA GLU B 45 0.80 8.02 7.36
C GLU B 45 1.84 7.90 6.25
N PRO B 46 2.23 6.68 5.88
CA PRO B 46 3.22 6.53 4.80
C PRO B 46 2.85 7.36 3.58
N GLY B 47 3.81 8.14 3.09
CA GLY B 47 3.62 8.92 1.88
C GLY B 47 2.99 10.28 2.10
N ALA B 48 2.50 10.56 3.30
CA ALA B 48 1.85 11.83 3.61
C ALA B 48 2.87 12.88 4.02
N ARG B 49 2.58 14.14 3.72
CA ARG B 49 3.51 15.21 4.04
C ARG B 49 2.78 16.54 4.06
N THR B 50 3.42 17.52 4.69
CA THR B 50 2.88 18.88 4.67
C THR B 50 2.90 19.43 3.24
N ALA B 51 2.09 20.45 3.01
CA ALA B 51 2.38 21.40 1.95
C ALA B 51 3.70 22.12 2.25
N TRP B 52 4.27 22.74 1.22
CA TRP B 52 5.33 23.71 1.44
C TRP B 52 4.79 24.79 2.36
N HIS B 53 5.62 25.26 3.28
CA HIS B 53 5.17 26.31 4.19
C HIS B 53 6.37 26.95 4.85
N THR B 54 6.10 28.08 5.53
CA THR B 54 7.10 28.77 6.33
C THR B 54 6.54 29.05 7.72
N HIS B 55 7.45 29.29 8.65
CA HIS B 55 7.08 29.74 9.99
C HIS B 55 7.75 31.06 10.28
N PRO B 56 7.02 32.03 10.86
CA PRO B 56 7.56 33.40 10.96
C PRO B 56 8.70 33.55 11.95
N LEU B 57 8.78 32.68 12.97
CA LEU B 57 9.88 32.67 13.91
C LEU B 57 10.59 31.31 13.93
N GLY B 58 10.50 30.58 12.82
CA GLY B 58 11.14 29.29 12.72
C GLY B 58 10.36 28.21 13.43
N GLN B 59 10.90 26.99 13.34
CA GLN B 59 10.21 25.83 13.90
C GLN B 59 11.24 24.80 14.30
N THR B 60 10.96 24.12 15.41
CA THR B 60 11.75 22.97 15.84
C THR B 60 10.89 21.71 15.79
N LEU B 61 11.39 20.66 15.14
CA LEU B 61 10.79 19.34 15.16
C LEU B 61 11.61 18.43 16.04
N ILE B 62 10.93 17.65 16.87
CA ILE B 62 11.55 16.56 17.62
C ILE B 62 10.82 15.29 17.18
N VAL B 63 11.50 14.44 16.42
CA VAL B 63 10.87 13.20 15.95
C VAL B 63 10.67 12.27 17.13
N THR B 64 9.48 11.67 17.22
CA THR B 64 9.17 10.82 18.35
C THR B 64 8.81 9.39 17.95
N ALA B 65 8.53 9.11 16.69
CA ALA B 65 8.22 7.74 16.29
C ALA B 65 8.36 7.60 14.79
N GLY B 66 8.76 6.41 14.36
CA GLY B 66 8.76 6.09 12.96
C GLY B 66 9.99 6.65 12.25
N CYS B 67 9.78 7.01 10.98
CA CYS B 67 10.88 7.39 10.10
C CYS B 67 10.28 8.29 9.03
N GLY B 68 10.75 9.53 8.97
CA GLY B 68 10.18 10.52 8.07
C GLY B 68 11.23 11.17 7.21
N TRP B 69 10.75 12.13 6.41
CA TRP B 69 11.51 12.85 5.41
C TRP B 69 11.23 14.34 5.59
N ALA B 70 12.21 15.17 5.27
CA ALA B 70 12.01 16.61 5.35
C ALA B 70 12.92 17.27 4.34
N GLN B 71 12.54 18.48 3.90
CA GLN B 71 13.30 19.18 2.87
C GLN B 71 13.07 20.68 2.98
N ARG B 72 14.16 21.45 2.94
CA ARG B 72 14.11 22.88 2.68
C ARG B 72 14.10 23.10 1.17
N GLU B 73 13.30 24.05 0.71
CA GLU B 73 13.29 24.36 -0.72
C GLU B 73 14.69 24.72 -1.19
N GLY B 74 15.21 23.97 -2.15
CA GLY B 74 16.53 24.18 -2.67
C GLY B 74 17.58 23.23 -2.12
N GLY B 75 17.23 22.45 -1.11
CA GLY B 75 18.14 21.49 -0.52
C GLY B 75 17.71 20.05 -0.80
N ALA B 76 18.47 19.14 -0.22
CA ALA B 76 18.21 17.72 -0.41
C ALA B 76 17.15 17.21 0.56
N VAL B 77 16.44 16.15 0.15
CA VAL B 77 15.56 15.45 1.07
C VAL B 77 16.42 14.68 2.05
N GLU B 78 16.17 14.86 3.34
CA GLU B 78 16.90 14.15 4.38
C GLU B 78 15.94 13.34 5.23
N GLU B 79 16.42 12.20 5.74
CA GLU B 79 15.68 11.37 6.65
C GLU B 79 15.79 11.91 8.06
N ILE B 80 14.68 11.85 8.81
CA ILE B 80 14.68 12.22 10.21
C ILE B 80 14.09 11.07 11.01
N HIS B 81 14.76 10.72 12.11
CA HIS B 81 14.54 9.54 12.91
C HIS B 81 14.22 9.93 14.35
N PRO B 82 13.64 9.01 15.13
CA PRO B 82 13.25 9.35 16.51
C PRO B 82 14.44 9.85 17.31
N GLY B 83 14.23 10.98 18.02
CA GLY B 83 15.28 11.61 18.78
C GLY B 83 16.03 12.70 18.04
N ASP B 84 15.92 12.74 16.71
CA ASP B 84 16.52 13.81 15.93
C ASP B 84 15.76 15.12 16.18
N VAL B 85 16.50 16.22 16.18
CA VAL B 85 15.94 17.56 16.33
C VAL B 85 16.22 18.33 15.04
N VAL B 86 15.16 18.91 14.45
CA VAL B 86 15.24 19.65 13.20
C VAL B 86 14.87 21.10 13.47
N TRP B 87 15.64 22.03 12.90
CA TRP B 87 15.39 23.46 13.01
C TRP B 87 15.21 24.05 11.62
N PHE B 88 14.07 24.72 11.40
CA PHE B 88 13.80 25.51 10.20
C PHE B 88 13.85 26.98 10.60
N SER B 89 14.64 27.76 9.86
CA SER B 89 14.81 29.17 10.16
C SER B 89 13.52 29.95 9.90
N PRO B 90 13.41 31.15 10.47
CA PRO B 90 12.26 32.00 10.15
C PRO B 90 12.16 32.27 8.66
N GLY B 91 10.96 32.09 8.12
CA GLY B 91 10.73 32.31 6.71
C GLY B 91 11.27 31.24 5.79
N GLU B 92 11.85 30.17 6.35
CA GLU B 92 12.42 29.11 5.53
C GLU B 92 11.31 28.21 4.98
N LYS B 93 11.20 28.14 3.67
CA LYS B 93 10.19 27.32 3.02
C LYS B 93 10.63 25.85 3.05
N HIS B 94 9.77 25.00 3.58
CA HIS B 94 10.10 23.59 3.78
C HIS B 94 8.85 22.74 3.77
N TRP B 95 9.07 21.43 3.79
CA TRP B 95 8.04 20.46 4.13
C TRP B 95 8.65 19.35 4.98
N ALA B 96 7.78 18.63 5.67
CA ALA B 96 8.15 17.44 6.40
C ALA B 96 7.02 16.44 6.24
N GLY B 97 7.36 15.16 6.43
CA GLY B 97 6.32 14.15 6.37
C GLY B 97 6.90 12.76 6.61
N ALA B 98 6.06 11.77 6.38
CA ALA B 98 6.47 10.39 6.44
C ALA B 98 7.39 10.05 5.28
N ALA B 99 8.13 8.94 5.45
CA ALA B 99 8.80 8.29 4.34
C ALA B 99 7.75 7.56 3.52
N PRO B 100 8.09 7.08 2.33
CA PRO B 100 7.06 6.49 1.45
C PRO B 100 6.37 5.25 2.02
N THR B 101 7.06 4.44 2.83
CA THR B 101 6.47 3.21 3.33
C THR B 101 6.43 3.11 4.86
N THR B 102 6.85 4.15 5.58
CA THR B 102 6.79 4.14 7.04
C THR B 102 6.16 5.44 7.53
N ALA B 103 5.31 5.31 8.54
CA ALA B 103 4.77 6.47 9.22
C ALA B 103 5.84 7.17 10.05
N MET B 104 5.52 8.41 10.43
CA MET B 104 6.38 9.22 11.30
C MET B 104 5.51 10.13 12.15
N THR B 105 5.90 10.31 13.42
CA THR B 105 5.29 11.27 14.31
C THR B 105 6.37 12.23 14.77
N HIS B 106 6.10 13.52 14.70
CA HIS B 106 7.01 14.49 15.31
C HIS B 106 6.23 15.46 16.19
N LEU B 107 6.97 16.05 17.12
CA LEU B 107 6.49 17.15 17.95
C LEU B 107 6.97 18.43 17.29
N ALA B 108 6.03 19.28 16.89
CA ALA B 108 6.33 20.52 16.18
C ALA B 108 6.14 21.69 17.13
N ILE B 109 7.21 22.48 17.32
CA ILE B 109 7.24 23.58 18.26
C ILE B 109 7.57 24.85 17.50
N GLN B 110 6.68 25.84 17.57
CA GLN B 110 6.89 27.09 16.83
C GLN B 110 6.31 28.26 17.61
N GLU B 111 6.94 29.41 17.45
CA GLU B 111 6.48 30.65 18.06
C GLU B 111 5.65 31.45 17.07
N ARG B 112 4.62 32.11 17.58
CA ARG B 112 3.72 32.89 16.74
C ARG B 112 4.14 34.34 16.68
N LEU B 113 3.84 34.97 15.55
CA LEU B 113 4.12 36.39 15.30
C LEU B 113 2.85 36.99 14.73
N ASP B 114 2.31 38.00 15.40
CA ASP B 114 1.02 38.58 15.03
C ASP B 114 -0.06 37.51 15.04
N GLY B 115 0.01 36.62 16.04
CA GLY B 115 -1.00 35.58 16.22
C GLY B 115 -0.99 34.48 15.19
N LYS B 116 0.05 34.39 14.37
CA LYS B 116 0.13 33.39 13.31
C LYS B 116 1.43 32.62 13.47
N ALA B 117 1.35 31.29 13.31
CA ALA B 117 2.50 30.41 13.49
C ALA B 117 2.93 29.71 12.20
N VAL B 118 2.21 29.90 11.10
CA VAL B 118 2.56 29.23 9.84
C VAL B 118 1.98 30.02 8.68
N ASP B 119 2.66 29.94 7.53
CA ASP B 119 2.18 30.47 6.26
C ASP B 119 2.16 29.33 5.26
N TRP B 120 0.96 28.90 4.85
CA TRP B 120 0.81 27.73 3.99
C TRP B 120 0.99 28.12 2.53
N MET B 121 1.69 27.26 1.79
CA MET B 121 2.06 27.53 0.41
C MET B 121 1.56 26.36 -0.43
N GLU B 122 2.15 26.12 -1.58
CA GLU B 122 1.66 25.10 -2.49
C GLU B 122 2.03 23.70 -2.01
N HIS B 123 1.28 22.71 -2.50
CA HIS B 123 1.53 21.34 -2.09
C HIS B 123 2.85 20.83 -2.67
N VAL B 124 3.34 19.76 -2.04
CA VAL B 124 4.60 19.11 -2.43
C VAL B 124 4.25 18.03 -3.44
N THR B 125 4.70 18.19 -4.68
CA THR B 125 4.33 17.25 -5.73
C THR B 125 4.98 15.88 -5.50
N ASP B 126 4.46 14.87 -6.20
CA ASP B 126 5.07 13.55 -6.08
C ASP B 126 6.52 13.57 -6.55
N GLU B 127 6.80 14.38 -7.55
CA GLU B 127 8.18 14.53 -8.01
C GLU B 127 9.06 15.17 -6.94
N GLN B 128 8.56 16.20 -6.27
CA GLN B 128 9.35 16.85 -5.24
C GLN B 128 9.54 15.94 -4.04
N TYR B 129 8.52 15.15 -3.73
CA TYR B 129 8.55 14.33 -2.52
C TYR B 129 9.68 13.31 -2.57
N ARG B 130 9.92 12.72 -3.74
CA ARG B 130 10.92 11.68 -3.86
C ARG B 130 12.32 12.22 -4.14
N ARG B 131 12.46 13.01 -5.21
CA ARG B 131 13.77 13.50 -5.66
C ARG B 131 14.69 13.93 -4.51
N MET C 1 -8.99 9.02 -9.79
CA MET C 1 -7.67 8.45 -10.21
C MET C 1 -6.79 8.32 -8.97
N GLU C 2 -6.20 7.14 -8.80
CA GLU C 2 -5.20 6.92 -7.76
C GLU C 2 -3.93 6.47 -8.43
N ILE C 3 -2.82 7.10 -8.09
CA ILE C 3 -1.50 6.68 -8.57
C ILE C 3 -0.74 6.16 -7.36
N LYS C 4 -0.30 4.91 -7.45
CA LYS C 4 0.64 4.34 -6.49
C LYS C 4 2.02 4.45 -7.13
N ARG C 5 2.80 5.41 -6.64
CA ARG C 5 4.08 5.70 -7.28
C ARG C 5 5.05 4.56 -7.06
N VAL C 6 5.95 4.36 -8.03
CA VAL C 6 6.98 3.35 -7.87
C VAL C 6 7.76 3.60 -6.57
N GLY C 7 8.00 2.52 -5.84
CA GLY C 7 8.69 2.58 -4.57
C GLY C 7 7.81 2.86 -3.37
N SER C 8 6.51 3.06 -3.58
CA SER C 8 5.57 3.35 -2.50
C SER C 8 4.96 2.09 -1.91
N GLN C 9 5.18 0.93 -2.52
CA GLN C 9 4.65 -0.35 -2.04
C GLN C 9 5.85 -1.20 -1.63
N ALA C 10 5.94 -1.49 -0.34
CA ALA C 10 7.08 -2.23 0.19
C ALA C 10 7.10 -3.66 -0.34
N SER C 11 8.31 -4.16 -0.60
CA SER C 11 8.51 -5.56 -0.91
C SER C 11 8.20 -6.43 0.31
N GLY C 12 7.84 -7.69 0.06
CA GLY C 12 7.65 -8.65 1.12
C GLY C 12 8.26 -9.98 0.75
N LYS C 13 8.46 -10.82 1.76
CA LYS C 13 9.03 -12.15 1.56
C LYS C 13 7.94 -13.17 1.32
N GLY C 14 8.21 -14.15 0.47
CA GLY C 14 7.29 -15.24 0.24
C GLY C 14 7.21 -16.17 1.43
N PRO C 15 6.00 -16.38 1.95
CA PRO C 15 5.85 -17.28 3.12
C PRO C 15 6.30 -18.71 2.82
N ALA C 16 6.86 -19.35 3.84
CA ALA C 16 7.37 -20.72 3.67
C ALA C 16 6.26 -21.69 3.28
N ASP C 17 5.02 -21.44 3.70
CA ASP C 17 3.92 -22.33 3.33
C ASP C 17 3.51 -22.19 1.86
N TRP C 18 3.90 -21.10 1.22
CA TRP C 18 3.49 -20.83 -0.15
C TRP C 18 4.58 -21.11 -1.17
N PHE C 19 5.84 -21.19 -0.73
CA PHE C 19 6.98 -21.30 -1.62
C PHE C 19 8.05 -22.21 -1.06
N THR C 20 8.71 -22.94 -1.95
CA THR C 20 10.00 -23.55 -1.66
C THR C 20 11.07 -22.57 -2.11
N GLY C 21 12.03 -22.28 -1.23
CA GLY C 21 13.11 -21.36 -1.55
C GLY C 21 12.72 -19.91 -1.32
N THR C 22 13.61 -19.03 -1.77
CA THR C 22 13.52 -17.60 -1.47
C THR C 22 12.76 -16.90 -2.58
N VAL C 23 11.69 -16.21 -2.20
CA VAL C 23 10.80 -15.52 -3.12
C VAL C 23 10.49 -14.15 -2.53
N ARG C 24 10.37 -13.16 -3.39
CA ARG C 24 9.97 -11.82 -2.99
C ARG C 24 8.67 -11.46 -3.72
N ILE C 25 7.75 -10.85 -3.00
CA ILE C 25 6.47 -10.42 -3.55
C ILE C 25 6.42 -8.90 -3.50
N ASP C 26 6.21 -8.30 -4.66
CA ASP C 26 6.05 -6.85 -4.77
C ASP C 26 4.61 -6.55 -5.16
N PRO C 27 3.76 -6.15 -4.22
CA PRO C 27 2.36 -5.87 -4.56
C PRO C 27 2.26 -4.77 -5.61
N LEU C 28 1.28 -4.92 -6.50
CA LEU C 28 1.00 -3.88 -7.50
C LEU C 28 -0.37 -3.28 -7.34
N PHE C 29 -1.42 -4.09 -7.24
CA PHE C 29 -2.76 -3.52 -7.08
C PHE C 29 -3.73 -4.56 -6.55
N GLN C 30 -4.70 -4.07 -5.78
CA GLN C 30 -5.86 -4.84 -5.38
CA GLN C 30 -5.87 -4.83 -5.37
C GLN C 30 -7.07 -3.93 -5.64
N ALA C 31 -7.80 -4.19 -6.71
CA ALA C 31 -8.88 -3.30 -7.10
C ALA C 31 -10.00 -3.31 -6.06
N PRO C 32 -10.57 -2.15 -5.75
CA PRO C 32 -11.67 -2.11 -4.79
C PRO C 32 -12.97 -2.60 -5.41
N ASP C 33 -13.86 -3.07 -4.54
CA ASP C 33 -15.17 -3.51 -4.98
C ASP C 33 -15.84 -2.40 -5.77
N PRO C 34 -16.61 -2.70 -6.82
CA PRO C 34 -17.04 -4.03 -7.29
C PRO C 34 -15.99 -4.78 -8.12
N ALA C 35 -14.85 -4.17 -8.43
CA ALA C 35 -13.80 -4.87 -9.15
C ALA C 35 -13.16 -5.93 -8.25
N LEU C 36 -12.67 -7.00 -8.89
CA LEU C 36 -12.22 -8.19 -8.18
C LEU C 36 -10.77 -8.56 -8.48
N VAL C 37 -10.13 -7.85 -9.39
CA VAL C 37 -8.82 -8.24 -9.87
C VAL C 37 -7.73 -7.68 -8.96
N ALA C 38 -6.67 -8.46 -8.82
CA ALA C 38 -5.48 -8.06 -8.10
C ALA C 38 -4.26 -8.50 -8.90
N GLY C 39 -3.12 -7.90 -8.59
CA GLY C 39 -1.88 -8.24 -9.26
C GLY C 39 -0.68 -7.95 -8.39
N ALA C 40 0.36 -8.75 -8.60
CA ALA C 40 1.61 -8.59 -7.87
C ALA C 40 2.75 -9.06 -8.75
N SER C 41 3.92 -8.47 -8.55
CA SER C 41 5.16 -8.93 -9.18
C SER C 41 5.85 -9.90 -8.24
N VAL C 42 6.21 -11.08 -8.74
CA VAL C 42 6.80 -12.13 -7.92
C VAL C 42 8.16 -12.49 -8.51
N THR C 43 9.20 -12.39 -7.69
CA THR C 43 10.57 -12.73 -8.10
C THR C 43 11.01 -13.99 -7.37
N PHE C 44 11.40 -15.01 -8.14
CA PHE C 44 11.86 -16.29 -7.65
C PHE C 44 13.37 -16.35 -7.81
N GLU C 45 14.08 -16.66 -6.73
CA GLU C 45 15.51 -16.92 -6.85
C GLU C 45 15.70 -18.28 -7.50
N PRO C 46 16.88 -18.54 -8.05
CA PRO C 46 17.10 -19.83 -8.73
C PRO C 46 16.70 -21.00 -7.86
N GLY C 47 15.95 -21.95 -8.44
CA GLY C 47 15.47 -23.11 -7.73
C GLY C 47 14.21 -22.89 -6.91
N ALA C 48 13.76 -21.66 -6.74
CA ALA C 48 12.58 -21.38 -5.93
C ALA C 48 11.32 -21.53 -6.76
N ARG C 49 10.24 -21.98 -6.10
CA ARG C 49 8.97 -22.14 -6.79
C ARG C 49 7.82 -22.09 -5.79
N THR C 50 6.63 -21.86 -6.32
CA THR C 50 5.41 -21.92 -5.52
C THR C 50 5.19 -23.36 -5.05
N ALA C 51 4.40 -23.50 -4.00
CA ALA C 51 3.72 -24.75 -3.78
C ALA C 51 2.73 -25.00 -4.93
N TRP C 52 2.27 -26.25 -5.03
CA TRP C 52 1.10 -26.53 -5.85
C TRP C 52 -0.07 -25.72 -5.32
N HIS C 53 -0.90 -25.21 -6.22
CA HIS C 53 -2.00 -24.35 -5.80
C HIS C 53 -2.97 -24.15 -6.95
N THR C 54 -4.14 -23.59 -6.61
CA THR C 54 -5.16 -23.24 -7.59
C THR C 54 -5.63 -21.82 -7.36
N HIS C 55 -6.27 -21.25 -8.38
CA HIS C 55 -6.91 -19.95 -8.30
C HIS C 55 -8.39 -20.08 -8.66
N PRO C 56 -9.28 -19.43 -7.92
CA PRO C 56 -10.72 -19.73 -8.08
C PRO C 56 -11.33 -19.15 -9.34
N LEU C 57 -10.73 -18.11 -9.92
CA LEU C 57 -11.16 -17.57 -11.21
C LEU C 57 -10.00 -17.55 -12.19
N GLY C 58 -9.08 -18.49 -12.04
CA GLY C 58 -7.94 -18.59 -12.93
C GLY C 58 -6.88 -17.55 -12.61
N GLN C 59 -5.81 -17.59 -13.40
CA GLN C 59 -4.69 -16.68 -13.23
C GLN C 59 -3.98 -16.46 -14.55
N THR C 60 -3.54 -15.23 -14.77
CA THR C 60 -2.67 -14.87 -15.88
C THR C 60 -1.29 -14.49 -15.36
N LEU C 61 -0.26 -15.07 -15.95
CA LEU C 61 1.12 -14.67 -15.70
C LEU C 61 1.67 -13.97 -16.93
N ILE C 62 2.36 -12.87 -16.71
CA ILE C 62 3.15 -12.21 -17.75
C ILE C 62 4.58 -12.20 -17.24
N VAL C 63 5.45 -13.00 -17.87
CA VAL C 63 6.84 -13.04 -17.42
C VAL C 63 7.50 -11.71 -17.78
N THR C 64 8.21 -11.12 -16.82
CA THR C 64 8.84 -9.84 -17.05
C THR C 64 10.36 -9.86 -16.96
N ALA C 65 10.96 -10.89 -16.37
CA ALA C 65 12.42 -10.96 -16.33
C ALA C 65 12.87 -12.38 -16.06
N GLY C 66 14.04 -12.71 -16.60
CA GLY C 66 14.68 -13.96 -16.27
C GLY C 66 14.14 -15.13 -17.09
N CYS C 67 14.18 -16.31 -16.48
CA CYS C 67 13.82 -17.53 -17.18
C CYS C 67 13.30 -18.49 -16.12
N GLY C 68 12.03 -18.88 -16.24
CA GLY C 68 11.37 -19.69 -15.24
C GLY C 68 10.76 -20.95 -15.81
N TRP C 69 10.16 -21.72 -14.90
CA TRP C 69 9.52 -22.99 -15.20
C TRP C 69 8.10 -22.97 -14.63
N ALA C 70 7.22 -23.75 -15.25
CA ALA C 70 5.87 -23.86 -14.73
C ALA C 70 5.30 -25.18 -15.20
N GLN C 71 4.27 -25.65 -14.49
CA GLN C 71 3.70 -26.97 -14.75
C GLN C 71 2.28 -27.03 -14.19
N ARG C 72 1.38 -27.64 -14.94
CA ARG C 72 0.08 -27.99 -14.37
C ARG C 72 0.07 -29.48 -14.04
N GLU C 73 -0.83 -29.86 -13.14
CA GLU C 73 -0.89 -31.24 -12.66
C GLU C 73 -1.12 -32.18 -13.84
N GLY C 74 -0.24 -33.17 -13.98
CA GLY C 74 -0.31 -34.12 -15.07
C GLY C 74 0.42 -33.71 -16.33
N GLY C 75 0.89 -32.46 -16.43
CA GLY C 75 1.50 -31.96 -17.63
C GLY C 75 3.02 -31.94 -17.56
N ALA C 76 3.63 -31.47 -18.65
CA ALA C 76 5.08 -31.35 -18.72
C ALA C 76 5.52 -30.04 -18.10
N VAL C 77 6.76 -30.01 -17.62
CA VAL C 77 7.35 -28.78 -17.13
C VAL C 77 7.73 -27.93 -18.33
N GLU C 78 7.19 -26.72 -18.40
CA GLU C 78 7.46 -25.82 -19.51
C GLU C 78 8.30 -24.63 -19.04
N GLU C 79 9.16 -24.16 -19.92
CA GLU C 79 9.97 -23.00 -19.66
CA GLU C 79 9.99 -23.00 -19.68
C GLU C 79 9.22 -21.77 -20.14
N ILE C 80 9.25 -20.71 -19.32
CA ILE C 80 8.54 -19.46 -19.64
C ILE C 80 9.53 -18.31 -19.58
N HIS C 81 9.47 -17.46 -20.60
CA HIS C 81 10.43 -16.42 -20.90
C HIS C 81 9.76 -15.05 -20.88
N PRO C 82 10.56 -13.99 -20.74
CA PRO C 82 9.98 -12.63 -20.70
C PRO C 82 9.13 -12.33 -21.92
N GLY C 83 7.93 -11.79 -21.67
CA GLY C 83 6.96 -11.55 -22.72
C GLY C 83 5.96 -12.66 -22.94
N ASP C 84 6.25 -13.86 -22.44
CA ASP C 84 5.29 -14.95 -22.49
C ASP C 84 4.10 -14.65 -21.57
N VAL C 85 2.91 -15.06 -22.00
CA VAL C 85 1.68 -14.92 -21.24
C VAL C 85 1.14 -16.32 -20.96
N VAL C 86 0.95 -16.65 -19.69
CA VAL C 86 0.48 -17.97 -19.26
C VAL C 86 -0.90 -17.82 -18.67
N TRP C 87 -1.80 -18.75 -19.00
CA TRP C 87 -3.14 -18.80 -18.42
C TRP C 87 -3.34 -20.13 -17.70
N PHE C 88 -3.72 -20.06 -16.43
CA PHE C 88 -4.18 -21.21 -15.66
C PHE C 88 -5.67 -21.07 -15.43
N SER C 89 -6.41 -22.13 -15.74
CA SER C 89 -7.85 -22.13 -15.61
C SER C 89 -8.28 -22.09 -14.16
N PRO C 90 -9.52 -21.69 -13.88
CA PRO C 90 -10.07 -21.87 -12.54
C PRO C 90 -9.95 -23.32 -12.09
N GLY C 91 -9.41 -23.49 -10.87
CA GLY C 91 -9.27 -24.81 -10.28
C GLY C 91 -8.12 -25.61 -10.81
N GLU C 92 -7.39 -25.11 -11.78
CA GLU C 92 -6.28 -25.86 -12.35
C GLU C 92 -5.11 -25.85 -11.37
N LYS C 93 -4.67 -27.03 -10.96
CA LYS C 93 -3.59 -27.18 -9.98
C LYS C 93 -2.24 -27.04 -10.68
N HIS C 94 -1.40 -26.13 -10.21
CA HIS C 94 -0.17 -25.80 -10.91
C HIS C 94 0.87 -25.25 -9.95
N TRP C 95 2.08 -25.08 -10.49
CA TRP C 95 3.13 -24.32 -9.82
C TRP C 95 3.92 -23.55 -10.87
N ALA C 96 4.64 -22.54 -10.40
CA ALA C 96 5.56 -21.81 -11.26
C ALA C 96 6.73 -21.38 -10.40
N GLY C 97 7.84 -21.07 -11.04
CA GLY C 97 8.99 -20.56 -10.31
C GLY C 97 10.17 -20.31 -11.20
N ALA C 98 11.32 -20.12 -10.57
CA ALA C 98 12.57 -20.00 -11.31
C ALA C 98 12.95 -21.33 -11.96
N ALA C 99 13.81 -21.24 -12.97
CA ALA C 99 14.57 -22.39 -13.42
C ALA C 99 15.65 -22.69 -12.38
N PRO C 100 16.31 -23.85 -12.48
CA PRO C 100 17.25 -24.23 -11.41
C PRO C 100 18.42 -23.27 -11.23
N THR C 101 18.89 -22.59 -12.28
CA THR C 101 20.07 -21.75 -12.14
C THR C 101 19.85 -20.29 -12.53
N THR C 102 18.63 -19.89 -12.89
CA THR C 102 18.31 -18.51 -13.24
C THR C 102 17.04 -18.08 -12.52
N ALA C 103 17.05 -16.85 -12.00
CA ALA C 103 15.89 -16.26 -11.37
C ALA C 103 14.83 -15.95 -12.43
N MET C 104 13.61 -15.69 -11.95
CA MET C 104 12.52 -15.29 -12.83
C MET C 104 11.58 -14.38 -12.07
N THR C 105 11.09 -13.36 -12.75
CA THR C 105 10.05 -12.50 -12.23
C THR C 105 8.85 -12.58 -13.16
N HIS C 106 7.66 -12.71 -12.60
CA HIS C 106 6.44 -12.55 -13.39
C HIS C 106 5.45 -11.63 -12.67
N LEU C 107 4.58 -11.05 -13.49
CA LEU C 107 3.41 -10.33 -12.99
C LEU C 107 2.25 -11.32 -12.95
N ALA C 108 1.68 -11.50 -11.77
CA ALA C 108 0.61 -12.46 -11.55
C ALA C 108 -0.70 -11.69 -11.35
N ILE C 109 -1.67 -11.94 -12.23
CA ILE C 109 -2.95 -11.24 -12.22
C ILE C 109 -4.05 -12.28 -12.00
N GLN C 110 -4.90 -12.06 -11.01
CA GLN C 110 -5.95 -12.99 -10.69
C GLN C 110 -7.12 -12.26 -10.05
N GLU C 111 -8.33 -12.69 -10.41
CA GLU C 111 -9.54 -12.20 -9.78
C GLU C 111 -9.86 -13.01 -8.53
N ARG C 112 -10.38 -12.31 -7.53
CA ARG C 112 -10.73 -12.93 -6.26
CA ARG C 112 -10.73 -12.91 -6.25
C ARG C 112 -12.20 -13.34 -6.26
N LEU C 113 -12.47 -14.48 -5.64
CA LEU C 113 -13.83 -14.99 -5.43
C LEU C 113 -14.07 -15.00 -3.92
N ASP C 114 -14.99 -14.15 -3.46
CA ASP C 114 -15.22 -13.98 -2.02
C ASP C 114 -13.93 -13.57 -1.30
N GLY C 115 -13.17 -12.65 -1.90
CA GLY C 115 -11.96 -12.15 -1.31
C GLY C 115 -10.74 -13.04 -1.45
N LYS C 116 -10.90 -14.28 -1.91
CA LYS C 116 -9.82 -15.24 -1.98
C LYS C 116 -9.28 -15.32 -3.40
N ALA C 117 -7.95 -15.28 -3.53
CA ALA C 117 -7.30 -15.32 -4.84
C ALA C 117 -6.48 -16.57 -5.08
N VAL C 118 -6.29 -17.42 -4.06
CA VAL C 118 -5.46 -18.61 -4.20
C VAL C 118 -5.86 -19.63 -3.15
N ASP C 119 -5.69 -20.92 -3.48
CA ASP C 119 -5.84 -22.05 -2.56
C ASP C 119 -4.54 -22.83 -2.56
N TRP C 120 -3.82 -22.82 -1.44
CA TRP C 120 -2.48 -23.39 -1.38
C TRP C 120 -2.54 -24.87 -1.05
N MET C 121 -1.73 -25.66 -1.75
CA MET C 121 -1.69 -27.09 -1.54
C MET C 121 -0.26 -27.54 -1.20
N GLU C 122 0.09 -28.79 -1.51
CA GLU C 122 1.36 -29.33 -1.07
C GLU C 122 2.52 -28.70 -1.85
N HIS C 123 3.71 -28.80 -1.26
CA HIS C 123 4.88 -28.23 -1.92
C HIS C 123 5.33 -29.09 -3.10
N VAL C 124 6.08 -28.47 -3.99
CA VAL C 124 6.62 -29.11 -5.18
C VAL C 124 7.95 -29.76 -4.80
N THR C 125 7.98 -31.09 -4.82
CA THR C 125 9.18 -31.78 -4.36
C THR C 125 10.32 -31.57 -5.36
N ASP C 126 11.55 -31.83 -4.90
CA ASP C 126 12.68 -31.80 -5.82
C ASP C 126 12.47 -32.75 -6.99
N GLU C 127 11.83 -33.90 -6.75
CA GLU C 127 11.56 -34.85 -7.83
C GLU C 127 10.58 -34.27 -8.85
N GLN C 128 9.58 -33.51 -8.38
CA GLN C 128 8.63 -32.91 -9.29
C GLN C 128 9.20 -31.70 -10.00
N TYR C 129 10.14 -31.00 -9.35
CA TYR C 129 10.85 -29.87 -9.93
C TYR C 129 11.94 -30.39 -10.87
N ARG C 130 11.48 -30.86 -12.02
CA ARG C 130 12.35 -31.53 -12.98
C ARG C 130 11.59 -31.72 -14.28
N ARG C 131 12.20 -31.35 -15.40
CA ARG C 131 11.53 -31.52 -16.69
C ARG C 131 11.47 -33.00 -17.09
N MET D 1 24.28 -11.06 16.28
CA MET D 1 23.58 -9.78 16.54
C MET D 1 22.96 -9.24 15.25
N GLU D 2 21.65 -9.10 15.25
CA GLU D 2 20.91 -8.55 14.11
C GLU D 2 20.28 -7.23 14.50
N ILE D 3 20.52 -6.19 13.71
CA ILE D 3 19.92 -4.88 13.96
C ILE D 3 18.97 -4.57 12.81
N LYS D 4 17.70 -4.39 13.14
CA LYS D 4 16.69 -3.87 12.22
C LYS D 4 16.62 -2.36 12.47
N ARG D 5 17.15 -1.58 11.54
CA ARG D 5 17.26 -0.14 11.76
C ARG D 5 15.91 0.54 11.60
N VAL D 6 15.74 1.67 12.30
CA VAL D 6 14.54 2.46 12.14
C VAL D 6 14.30 2.68 10.66
N GLY D 7 13.04 2.54 10.24
CA GLY D 7 12.67 2.79 8.86
C GLY D 7 12.80 1.61 7.94
N SER D 8 13.39 0.50 8.41
CA SER D 8 13.62 -0.66 7.57
C SER D 8 12.44 -1.63 7.57
N GLN D 9 11.49 -1.49 8.50
CA GLN D 9 10.31 -2.34 8.55
C GLN D 9 9.11 -1.51 8.08
N ALA D 10 8.59 -1.85 6.91
CA ALA D 10 7.49 -1.06 6.34
C ALA D 10 6.23 -1.18 7.19
N SER D 11 5.48 -0.08 7.25
CA SER D 11 4.18 -0.08 7.92
C SER D 11 3.18 -0.89 7.11
N GLY D 12 2.20 -1.48 7.82
CA GLY D 12 1.12 -2.20 7.18
C GLY D 12 -0.22 -1.70 7.68
N LYS D 13 -1.27 -2.10 6.98
CA LYS D 13 -2.64 -1.74 7.33
C LYS D 13 -3.31 -2.89 8.07
N GLY D 14 -4.11 -2.55 9.07
CA GLY D 14 -4.85 -3.54 9.83
C GLY D 14 -5.98 -4.14 8.99
N PRO D 15 -5.99 -5.48 8.87
CA PRO D 15 -7.06 -6.11 8.06
C PRO D 15 -8.44 -5.89 8.64
N ALA D 16 -9.42 -5.82 7.74
CA ALA D 16 -10.79 -5.55 8.17
C ALA D 16 -11.33 -6.65 9.06
N ASP D 17 -10.85 -7.88 8.89
CA ASP D 17 -11.32 -8.98 9.72
C ASP D 17 -10.78 -8.89 11.15
N TRP D 18 -9.68 -8.17 11.36
CA TRP D 18 -9.08 -8.06 12.67
C TRP D 18 -9.41 -6.78 13.41
N PHE D 19 -9.89 -5.75 12.71
CA PHE D 19 -10.07 -4.43 13.30
C PHE D 19 -11.32 -3.77 12.75
N THR D 20 -11.96 -2.99 13.60
CA THR D 20 -12.96 -2.00 13.19
C THR D 20 -12.24 -0.67 13.07
N GLY D 21 -12.42 0.00 11.95
CA GLY D 21 -11.77 1.28 11.74
C GLY D 21 -10.36 1.16 11.19
N THR D 22 -9.66 2.29 11.22
CA THR D 22 -8.35 2.41 10.58
C THR D 22 -7.24 2.14 11.60
N VAL D 23 -6.41 1.15 11.31
CA VAL D 23 -5.35 0.74 12.22
C VAL D 23 -4.09 0.51 11.39
N ARG D 24 -2.94 0.89 11.93
CA ARG D 24 -1.66 0.64 11.29
C ARG D 24 -0.82 -0.27 12.18
N ILE D 25 -0.19 -1.26 11.56
CA ILE D 25 0.66 -2.22 12.25
C ILE D 25 2.10 -1.99 11.82
N ASP D 26 2.96 -1.74 12.79
CA ASP D 26 4.38 -1.53 12.55
C ASP D 26 5.15 -2.70 13.17
N PRO D 27 5.56 -3.69 12.40
CA PRO D 27 6.23 -4.86 12.98
C PRO D 27 7.54 -4.46 13.63
N LEU D 28 7.84 -5.12 14.75
CA LEU D 28 9.10 -4.92 15.45
C LEU D 28 9.96 -6.15 15.48
N PHE D 29 9.42 -7.29 15.92
CA PHE D 29 10.26 -8.48 15.90
C PHE D 29 9.40 -9.74 15.88
N GLN D 30 9.99 -10.79 15.35
CA GLN D 30 9.43 -12.15 15.42
C GLN D 30 10.63 -13.04 15.69
N ALA D 31 10.78 -13.49 16.93
CA ALA D 31 11.95 -14.28 17.29
C ALA D 31 11.95 -15.60 16.55
N PRO D 32 13.11 -16.06 16.06
CA PRO D 32 13.18 -17.38 15.44
C PRO D 32 13.19 -18.49 16.48
N ASP D 33 12.73 -19.67 16.05
CA ASP D 33 12.73 -20.82 16.94
C ASP D 33 14.14 -21.04 17.48
N PRO D 34 14.28 -21.54 18.71
CA PRO D 34 13.22 -22.03 19.62
C PRO D 34 12.50 -20.94 20.39
N ALA D 35 12.80 -19.67 20.14
CA ALA D 35 12.04 -18.59 20.76
C ALA D 35 10.63 -18.53 20.15
N LEU D 36 9.70 -18.01 20.95
CA LEU D 36 8.29 -18.00 20.60
C LEU D 36 7.70 -16.60 20.56
N VAL D 37 8.42 -15.59 20.99
CA VAL D 37 7.86 -14.27 21.23
C VAL D 37 7.86 -13.45 19.94
N ALA D 38 6.82 -12.63 19.77
CA ALA D 38 6.76 -11.67 18.68
C ALA D 38 6.20 -10.36 19.23
N GLY D 39 6.54 -9.27 18.57
CA GLY D 39 6.08 -7.96 19.01
C GLY D 39 5.82 -7.06 17.83
N ALA D 40 4.83 -6.19 17.99
CA ALA D 40 4.50 -5.21 16.98
C ALA D 40 3.97 -3.96 17.67
N SER D 41 4.20 -2.83 17.03
CA SER D 41 3.58 -1.57 17.43
C SER D 41 2.31 -1.41 16.61
N VAL D 42 1.19 -1.15 17.29
CA VAL D 42 -0.12 -1.03 16.68
C VAL D 42 -0.68 0.34 17.02
N THR D 43 -1.06 1.11 15.99
CA THR D 43 -1.59 2.46 16.17
C THR D 43 -3.05 2.46 15.73
N PHE D 44 -3.94 2.76 16.68
CA PHE D 44 -5.37 2.84 16.41
C PHE D 44 -5.74 4.31 16.20
N GLU D 45 -6.40 4.60 15.08
CA GLU D 45 -7.00 5.92 14.92
C GLU D 45 -8.21 6.05 15.85
N PRO D 46 -8.62 7.29 16.15
CA PRO D 46 -9.80 7.51 17.00
C PRO D 46 -10.97 6.64 16.56
N GLY D 47 -11.53 5.90 17.52
CA GLY D 47 -12.66 5.06 17.28
C GLY D 47 -12.35 3.67 16.77
N ALA D 48 -11.11 3.39 16.40
CA ALA D 48 -10.73 2.07 15.91
C ALA D 48 -10.37 1.14 17.06
N ARG D 49 -10.59 -0.16 16.84
CA ARG D 49 -10.35 -1.15 17.88
C ARG D 49 -10.26 -2.53 17.25
N THR D 50 -9.59 -3.45 17.96
CA THR D 50 -9.55 -4.82 17.50
C THR D 50 -10.95 -5.42 17.54
N ALA D 51 -11.13 -6.50 16.78
CA ALA D 51 -12.20 -7.43 17.07
C ALA D 51 -11.95 -8.07 18.43
N TRP D 52 -12.98 -8.72 18.96
CA TRP D 52 -12.78 -9.60 20.10
C TRP D 52 -11.80 -10.69 19.66
N HIS D 53 -10.92 -11.10 20.57
CA HIS D 53 -9.99 -12.15 20.23
C HIS D 53 -9.34 -12.71 21.49
N THR D 54 -8.58 -13.77 21.31
CA THR D 54 -7.79 -14.38 22.38
C THR D 54 -6.40 -14.65 21.86
N HIS D 55 -5.48 -14.89 22.79
CA HIS D 55 -4.11 -15.28 22.50
C HIS D 55 -3.82 -16.57 23.25
N PRO D 56 -3.19 -17.56 22.60
CA PRO D 56 -3.06 -18.89 23.22
C PRO D 56 -2.09 -18.93 24.40
N LEU D 57 -1.13 -18.00 24.46
CA LEU D 57 -0.17 -17.93 25.56
C LEU D 57 -0.21 -16.56 26.23
N GLY D 58 -1.33 -15.87 26.14
CA GLY D 58 -1.46 -14.56 26.73
C GLY D 58 -0.79 -13.49 25.88
N GLN D 59 -0.97 -12.25 26.33
CA GLN D 59 -0.46 -11.09 25.64
C GLN D 59 -0.15 -9.98 26.64
N THR D 60 0.95 -9.28 26.41
CA THR D 60 1.28 -8.07 27.15
C THR D 60 1.18 -6.86 26.22
N LEU D 61 0.49 -5.82 26.67
CA LEU D 61 0.44 -4.55 25.96
C LEU D 61 1.20 -3.51 26.76
N ILE D 62 2.09 -2.77 26.09
CA ILE D 62 2.74 -1.61 26.69
C ILE D 62 2.27 -0.39 25.90
N VAL D 63 1.47 0.46 26.53
CA VAL D 63 0.99 1.64 25.82
C VAL D 63 2.13 2.62 25.65
N THR D 64 2.34 3.09 24.42
CA THR D 64 3.43 4.00 24.12
C THR D 64 2.99 5.39 23.70
N ALA D 65 1.73 5.58 23.31
CA ALA D 65 1.31 6.93 22.93
C ALA D 65 -0.21 7.03 22.92
N GLY D 66 -0.70 8.25 23.19
CA GLY D 66 -2.12 8.49 23.09
C GLY D 66 -2.91 7.96 24.29
N CYS D 67 -4.16 7.62 24.04
CA CYS D 67 -5.00 7.16 25.15
C CYS D 67 -6.08 6.28 24.55
N GLY D 68 -6.17 5.05 25.05
CA GLY D 68 -7.10 4.11 24.46
C GLY D 68 -7.99 3.39 25.45
N TRP D 69 -8.72 2.39 24.93
CA TRP D 69 -9.67 1.62 25.71
C TRP D 69 -9.33 0.14 25.57
N ALA D 70 -9.74 -0.64 26.57
CA ALA D 70 -9.53 -2.08 26.54
C ALA D 70 -10.53 -2.75 27.47
N GLN D 71 -10.89 -3.99 27.15
CA GLN D 71 -11.89 -4.69 27.93
C GLN D 71 -11.74 -6.20 27.71
N ARG D 72 -11.89 -6.95 28.78
CA ARG D 72 -12.04 -8.40 28.70
C ARG D 72 -13.51 -8.74 28.85
N GLU D 73 -13.90 -9.89 28.31
CA GLU D 73 -15.30 -10.28 28.33
C GLU D 73 -15.80 -10.36 29.76
N GLY D 74 -16.93 -9.72 30.02
CA GLY D 74 -17.49 -9.67 31.36
C GLY D 74 -16.92 -8.60 32.25
N GLY D 75 -15.93 -7.84 31.79
CA GLY D 75 -15.36 -6.77 32.57
C GLY D 75 -15.82 -5.40 32.09
N ALA D 76 -15.32 -4.37 32.77
CA ALA D 76 -15.60 -3.00 32.39
C ALA D 76 -14.58 -2.52 31.35
N VAL D 77 -14.98 -1.51 30.59
CA VAL D 77 -14.07 -0.88 29.63
C VAL D 77 -13.17 0.08 30.38
N GLU D 78 -11.86 -0.13 30.28
CA GLU D 78 -10.87 0.64 31.01
C GLU D 78 -10.13 1.56 30.04
N GLU D 79 -9.70 2.70 30.58
CA GLU D 79 -8.88 3.65 29.84
C GLU D 79 -7.42 3.37 30.16
N ILE D 80 -6.58 3.31 29.13
CA ILE D 80 -5.16 3.01 29.30
C ILE D 80 -4.31 4.09 28.66
N HIS D 81 -3.14 4.34 29.26
CA HIS D 81 -2.32 5.49 28.97
C HIS D 81 -0.86 5.09 28.80
N PRO D 82 -0.04 5.96 28.20
CA PRO D 82 1.36 5.61 27.96
C PRO D 82 2.07 5.24 29.26
N GLY D 83 2.81 4.12 29.22
CA GLY D 83 3.47 3.57 30.38
C GLY D 83 2.68 2.53 31.14
N ASP D 84 1.36 2.48 30.93
CA ASP D 84 0.55 1.40 31.47
C ASP D 84 0.93 0.10 30.78
N VAL D 85 0.96 -0.99 31.54
CA VAL D 85 1.24 -2.33 31.04
C VAL D 85 0.02 -3.20 31.31
N VAL D 86 -0.49 -3.84 30.26
CA VAL D 86 -1.70 -4.64 30.36
C VAL D 86 -1.34 -6.10 30.08
N TRP D 87 -1.88 -7.01 30.90
CA TRP D 87 -1.70 -8.44 30.69
C TRP D 87 -3.06 -9.10 30.47
N PHE D 88 -3.19 -9.80 29.34
CA PHE D 88 -4.32 -10.68 29.08
C PHE D 88 -3.87 -12.13 29.23
N SER D 89 -4.64 -12.91 29.98
CA SER D 89 -4.28 -14.30 30.24
C SER D 89 -4.51 -15.16 29.00
N PRO D 90 -3.88 -16.33 28.96
CA PRO D 90 -4.15 -17.26 27.86
C PRO D 90 -5.65 -17.54 27.74
N GLY D 91 -6.16 -17.42 26.51
CA GLY D 91 -7.55 -17.73 26.25
C GLY D 91 -8.53 -16.68 26.72
N GLU D 92 -8.06 -15.59 27.30
CA GLU D 92 -8.95 -14.53 27.78
C GLU D 92 -9.46 -13.73 26.60
N LYS D 93 -10.79 -13.65 26.46
CA LYS D 93 -11.38 -12.91 25.35
C LYS D 93 -11.40 -11.42 25.67
N HIS D 94 -10.90 -10.60 24.75
CA HIS D 94 -10.74 -9.18 25.03
C HIS D 94 -10.68 -8.40 23.72
N TRP D 95 -10.67 -7.07 23.88
CA TRP D 95 -10.36 -6.17 22.78
C TRP D 95 -9.62 -4.95 23.33
N ALA D 96 -8.94 -4.26 22.43
CA ALA D 96 -8.30 -2.99 22.77
C ALA D 96 -8.42 -2.05 21.58
N GLY D 97 -8.23 -0.77 21.83
CA GLY D 97 -8.27 0.18 20.74
C GLY D 97 -8.06 1.59 21.22
N ALA D 98 -8.23 2.51 20.27
CA ALA D 98 -8.26 3.94 20.58
C ALA D 98 -9.49 4.28 21.39
N ALA D 99 -9.46 5.43 22.05
CA ALA D 99 -10.67 6.05 22.57
C ALA D 99 -11.40 6.70 21.41
N PRO D 100 -12.64 7.14 21.61
CA PRO D 100 -13.41 7.70 20.48
C PRO D 100 -12.82 8.97 19.89
N THR D 101 -12.06 9.76 20.67
CA THR D 101 -11.56 11.04 20.18
C THR D 101 -10.04 11.16 20.15
N THR D 102 -9.32 10.12 20.60
CA THR D 102 -7.86 10.14 20.57
C THR D 102 -7.33 8.82 20.05
N ALA D 103 -6.24 8.90 19.28
CA ALA D 103 -5.50 7.72 18.87
C ALA D 103 -4.78 7.08 20.05
N MET D 104 -4.34 5.85 19.85
CA MET D 104 -3.55 5.10 20.83
C MET D 104 -2.59 4.19 20.08
N THR D 105 -1.35 4.14 20.55
CA THR D 105 -0.34 3.21 20.08
C THR D 105 0.08 2.34 21.25
N HIS D 106 0.12 1.02 21.03
CA HIS D 106 0.69 0.13 22.03
C HIS D 106 1.66 -0.86 21.37
N LEU D 107 2.58 -1.32 22.20
CA LEU D 107 3.49 -2.41 21.83
C LEU D 107 2.84 -3.70 22.32
N ALA D 108 2.50 -4.58 21.39
CA ALA D 108 1.83 -5.84 21.71
C ALA D 108 2.85 -6.96 21.61
N ILE D 109 3.06 -7.68 22.72
CA ILE D 109 4.05 -8.75 22.84
C ILE D 109 3.30 -10.02 23.19
N GLN D 110 3.48 -11.07 22.37
CA GLN D 110 2.76 -12.32 22.57
C GLN D 110 3.60 -13.47 22.05
N GLU D 111 3.50 -14.61 22.74
CA GLU D 111 4.19 -15.83 22.36
C GLU D 111 3.28 -16.71 21.52
N ARG D 112 3.86 -17.34 20.50
N ARG D 112 3.86 -17.33 20.49
CA ARG D 112 3.10 -18.15 19.56
CA ARG D 112 3.09 -18.14 19.56
C ARG D 112 3.06 -19.59 20.02
C ARG D 112 3.05 -19.59 20.03
N LEU D 113 1.91 -20.23 19.81
CA LEU D 113 1.72 -21.65 20.11
C LEU D 113 1.28 -22.34 18.82
N ASP D 114 2.09 -23.28 18.34
CA ASP D 114 1.89 -23.89 17.02
C ASP D 114 1.95 -22.83 15.93
N GLY D 115 2.83 -21.84 16.11
CA GLY D 115 2.98 -20.77 15.15
C GLY D 115 1.87 -19.75 15.15
N LYS D 116 0.81 -19.96 15.93
CA LYS D 116 -0.33 -19.04 16.00
C LYS D 116 -0.19 -18.15 17.22
N ALA D 117 -0.45 -16.85 17.02
CA ALA D 117 -0.34 -15.89 18.11
C ALA D 117 -1.68 -15.25 18.50
N VAL D 118 -2.76 -15.57 17.78
CA VAL D 118 -4.05 -14.95 18.06
C VAL D 118 -5.15 -15.80 17.44
N ASP D 119 -6.34 -15.74 18.05
CA ASP D 119 -7.55 -16.37 17.54
C ASP D 119 -8.62 -15.29 17.43
N TRP D 120 -9.01 -14.96 16.21
CA TRP D 120 -9.87 -13.80 15.97
C TRP D 120 -11.34 -14.19 16.08
N MET D 121 -12.12 -13.32 16.72
CA MET D 121 -13.52 -13.58 17.01
C MET D 121 -14.38 -12.44 16.45
N GLU D 122 -15.55 -12.21 17.04
CA GLU D 122 -16.48 -11.24 16.48
C GLU D 122 -16.01 -9.81 16.71
N HIS D 123 -16.41 -8.92 15.83
CA HIS D 123 -16.07 -7.51 15.98
C HIS D 123 -16.74 -6.92 17.23
N VAL D 124 -16.12 -5.86 17.75
CA VAL D 124 -16.67 -5.10 18.87
C VAL D 124 -17.69 -4.12 18.32
N THR D 125 -18.94 -4.25 18.76
CA THR D 125 -20.03 -3.46 18.22
C THR D 125 -20.00 -2.04 18.77
N ASP D 126 -20.72 -1.15 18.09
CA ASP D 126 -20.81 0.22 18.57
C ASP D 126 -21.44 0.27 19.96
N GLU D 127 -22.39 -0.63 20.25
CA GLU D 127 -22.98 -0.66 21.58
C GLU D 127 -21.97 -1.10 22.63
N GLN D 128 -21.03 -1.97 22.26
CA GLN D 128 -20.02 -2.45 23.20
C GLN D 128 -18.90 -1.45 23.37
N TYR D 129 -18.65 -0.61 22.36
CA TYR D 129 -17.56 0.36 22.36
C TYR D 129 -18.04 1.66 23.01
N ARG D 130 -18.23 1.56 24.34
CA ARG D 130 -18.65 2.70 25.14
C ARG D 130 -18.13 2.53 26.57
N ARG D 131 -17.95 3.65 27.26
CA ARG D 131 -17.62 3.63 28.68
C ARG D 131 -18.74 4.30 29.46
#